data_2YX6
#
_entry.id   2YX6
#
_cell.length_a   94.932
_cell.length_b   99.877
_cell.length_c   48.812
_cell.angle_alpha   90.00
_cell.angle_beta   112.33
_cell.angle_gamma   90.00
#
_symmetry.space_group_name_H-M   'C 1 2 1'
#
loop_
_entity.id
_entity.type
_entity.pdbx_description
1 polymer 'Hypothetical protein PH0822'
2 non-polymer "ADENOSINE-5'-DIPHOSPHATE"
3 water water
#
_entity_poly.entity_id   1
_entity_poly.type   'polypeptide(L)'
_entity_poly.pdbx_seq_one_letter_code
;MRVAIPAEDDRGIKSNVSKHFGRSRYFVFVDIEGEDVKNVEVVEVPFEEHGPGDLPNFIKDHGAKIVLTYGIGRRAIEYF
NSLGISVVTGVYGRISDVIKAFIGGKLKIDYDWKEKIEKEH
;
_entity_poly.pdbx_strand_id   A,B,C,D
#
# COMPACT_ATOMS: atom_id res chain seq x y z
N MET A 1 15.27 9.24 -20.03
CA MET A 1 14.68 8.75 -21.26
C MET A 1 14.55 7.25 -21.06
N ARG A 2 14.12 6.54 -22.09
CA ARG A 2 13.90 5.12 -21.93
C ARG A 2 14.92 4.30 -22.73
N VAL A 3 15.56 3.39 -22.04
CA VAL A 3 16.61 2.57 -22.62
C VAL A 3 16.16 1.12 -22.60
N ALA A 4 16.35 0.47 -23.75
CA ALA A 4 16.00 -0.94 -24.00
C ALA A 4 17.28 -1.81 -24.02
N ILE A 5 17.23 -2.99 -23.41
CA ILE A 5 18.37 -3.86 -23.29
C ILE A 5 17.93 -5.32 -23.47
N PRO A 6 18.55 -6.06 -24.42
CA PRO A 6 18.18 -7.48 -24.62
C PRO A 6 18.73 -8.31 -23.45
N ALA A 7 17.89 -9.16 -22.84
CA ALA A 7 18.31 -9.92 -21.67
C ALA A 7 18.47 -11.37 -22.04
N GLU A 8 19.40 -12.04 -21.36
CA GLU A 8 19.67 -13.44 -21.57
C GLU A 8 18.62 -14.35 -20.86
N ASP A 9 18.05 -13.85 -19.79
CA ASP A 9 17.20 -14.58 -18.86
C ASP A 9 16.02 -13.68 -18.63
N ASP A 10 15.01 -14.17 -17.93
CA ASP A 10 13.96 -13.25 -17.45
C ASP A 10 14.28 -12.65 -16.09
N ARG A 11 15.56 -12.54 -15.77
CA ARG A 11 15.95 -11.97 -14.46
C ARG A 11 15.99 -10.44 -14.31
N GLY A 12 15.44 -9.68 -15.28
CA GLY A 12 15.39 -8.20 -15.19
C GLY A 12 16.77 -7.57 -15.10
N ILE A 13 16.94 -6.58 -14.23
CA ILE A 13 18.24 -5.97 -14.05
C ILE A 13 19.33 -6.86 -13.42
N LYS A 14 18.97 -8.08 -13.04
CA LYS A 14 19.95 -9.07 -12.61
C LYS A 14 20.39 -10.04 -13.73
N SER A 15 19.82 -9.87 -14.93
CA SER A 15 20.21 -10.73 -16.05
C SER A 15 21.42 -10.13 -16.75
N ASN A 16 22.05 -10.87 -17.63
CA ASN A 16 23.15 -10.28 -18.42
C ASN A 16 22.58 -9.80 -19.76
N VAL A 17 23.27 -8.88 -20.41
CA VAL A 17 22.96 -8.51 -21.78
C VAL A 17 23.09 -9.77 -22.60
N SER A 18 22.04 -10.11 -23.35
CA SER A 18 22.10 -11.25 -24.27
C SER A 18 23.14 -10.95 -25.33
N LYS A 19 23.97 -11.94 -25.60
CA LYS A 19 25.02 -11.72 -26.59
C LYS A 19 24.48 -11.58 -28.03
N HIS A 20 23.28 -12.11 -28.32
CA HIS A 20 22.70 -11.95 -29.68
C HIS A 20 21.35 -11.23 -29.66
N PHE A 21 21.33 -9.97 -30.08
CA PHE A 21 20.10 -9.26 -30.22
C PHE A 21 19.27 -10.02 -31.27
N GLY A 22 17.98 -10.03 -31.14
CA GLY A 22 17.28 -10.64 -32.30
C GLY A 22 16.90 -12.05 -31.95
N ARG A 23 17.85 -12.85 -31.50
CA ARG A 23 17.45 -14.15 -30.96
C ARG A 23 17.06 -14.10 -29.47
N SER A 24 17.30 -12.96 -28.84
CA SER A 24 16.93 -12.78 -27.44
C SER A 24 15.38 -12.77 -27.20
N ARG A 25 14.97 -13.27 -26.04
CA ARG A 25 13.55 -13.49 -25.77
C ARG A 25 12.99 -12.63 -24.65
N TYR A 26 13.87 -11.90 -23.97
CA TYR A 26 13.47 -10.94 -22.97
C TYR A 26 14.16 -9.61 -23.19
N PHE A 27 13.47 -8.53 -22.88
CA PHE A 27 14.02 -7.20 -23.00
C PHE A 27 13.74 -6.50 -21.71
N VAL A 28 14.67 -5.65 -21.32
CA VAL A 28 14.49 -4.75 -20.15
C VAL A 28 14.45 -3.29 -20.60
N PHE A 29 13.44 -2.56 -20.16
CA PHE A 29 13.20 -1.17 -20.51
C PHE A 29 13.44 -0.38 -19.23
N VAL A 30 14.35 0.56 -19.30
CA VAL A 30 14.72 1.28 -18.09
C VAL A 30 14.48 2.75 -18.28
N ASP A 31 13.65 3.34 -17.42
CA ASP A 31 13.42 4.76 -17.45
C ASP A 31 14.40 5.51 -16.59
N ILE A 32 15.16 6.38 -17.24
CA ILE A 32 16.24 7.09 -16.54
C ILE A 32 15.89 8.59 -16.51
N GLU A 33 16.00 9.18 -15.33
CA GLU A 33 15.80 10.62 -15.16
C GLU A 33 16.98 11.17 -14.35
N GLY A 34 17.90 11.86 -15.03
CA GLY A 34 19.17 12.27 -14.42
C GLY A 34 20.03 11.07 -14.03
N GLU A 35 20.39 10.99 -12.76
CA GLU A 35 21.19 9.90 -12.22
C GLU A 35 20.26 8.82 -11.76
N ASP A 36 18.95 8.99 -11.97
CA ASP A 36 17.93 8.17 -11.30
C ASP A 36 17.20 7.21 -12.26
N VAL A 37 17.13 5.97 -11.82
CA VAL A 37 16.44 4.89 -12.50
C VAL A 37 15.04 4.93 -11.91
N LYS A 38 14.07 5.42 -12.69
CA LYS A 38 12.70 5.61 -12.23
C LYS A 38 11.77 4.41 -12.40
N ASN A 39 12.10 3.51 -13.31
CA ASN A 39 11.23 2.41 -13.62
C ASN A 39 12.04 1.35 -14.34
N VAL A 40 11.81 0.07 -13.99
CA VAL A 40 12.31 -1.06 -14.76
C VAL A 40 11.13 -1.91 -15.23
N GLU A 41 11.15 -2.32 -16.50
CA GLU A 41 10.05 -3.07 -17.07
C GLU A 41 10.68 -4.23 -17.77
N VAL A 42 10.22 -5.43 -17.42
CA VAL A 42 10.81 -6.67 -17.91
C VAL A 42 9.75 -7.41 -18.71
N VAL A 43 9.82 -7.36 -20.03
CA VAL A 43 8.78 -8.06 -20.86
C VAL A 43 9.39 -9.11 -21.77
N GLU A 44 8.56 -9.97 -22.34
CA GLU A 44 9.10 -10.95 -23.27
C GLU A 44 8.82 -10.60 -24.71
N VAL A 45 9.61 -11.15 -25.60
CA VAL A 45 9.42 -10.88 -27.02
C VAL A 45 8.39 -11.87 -27.57
N PRO A 46 7.45 -11.37 -28.39
CA PRO A 46 6.52 -12.18 -29.22
C PRO A 46 7.17 -13.24 -30.17
N PHE A 47 6.43 -14.35 -30.36
CA PHE A 47 6.71 -15.55 -31.23
C PHE A 47 7.59 -16.61 -30.56
N GLY A 53 10.67 -5.75 -39.91
CA GLY A 53 11.36 -5.09 -38.78
C GLY A 53 10.59 -5.25 -37.48
N ASP A 54 10.26 -6.49 -37.12
CA ASP A 54 9.47 -6.78 -35.92
C ASP A 54 10.10 -6.24 -34.65
N LEU A 55 11.29 -6.72 -34.31
CA LEU A 55 12.02 -6.29 -33.13
C LEU A 55 12.20 -4.82 -32.99
N PRO A 56 12.71 -4.12 -34.02
CA PRO A 56 12.81 -2.66 -33.91
C PRO A 56 11.51 -1.96 -33.61
N ASN A 57 10.45 -2.46 -34.24
CA ASN A 57 9.14 -1.87 -34.08
C ASN A 57 8.66 -2.20 -32.71
N PHE A 58 8.94 -3.40 -32.25
CA PHE A 58 8.66 -3.78 -30.86
C PHE A 58 9.26 -2.78 -29.90
N ILE A 59 10.57 -2.49 -30.08
CA ILE A 59 11.27 -1.52 -29.22
C ILE A 59 10.66 -0.10 -29.30
N LYS A 60 10.50 0.44 -30.51
CA LYS A 60 9.85 1.72 -30.73
C LYS A 60 8.46 1.81 -30.10
N ASP A 61 7.67 0.75 -30.26
CA ASP A 61 6.33 0.68 -29.68
C ASP A 61 6.35 0.74 -28.14
N HIS A 62 7.46 0.33 -27.54
CA HIS A 62 7.66 0.46 -26.11
C HIS A 62 8.30 1.76 -25.64
N GLY A 63 8.49 2.71 -26.53
CA GLY A 63 8.95 4.05 -26.14
C GLY A 63 10.45 4.16 -25.99
N ALA A 64 11.23 3.11 -26.34
CA ALA A 64 12.68 3.16 -26.06
C ALA A 64 13.32 3.99 -27.15
N LYS A 65 14.25 4.89 -26.78
CA LYS A 65 14.89 5.72 -27.80
C LYS A 65 16.36 5.35 -27.89
N ILE A 66 16.83 4.56 -26.94
CA ILE A 66 18.20 4.03 -27.00
C ILE A 66 18.18 2.53 -26.73
N VAL A 67 19.00 1.79 -27.45
CA VAL A 67 19.15 0.35 -27.26
C VAL A 67 20.62 0.07 -26.94
N LEU A 68 20.85 -0.66 -25.85
CA LEU A 68 22.19 -1.10 -25.52
C LEU A 68 22.31 -2.56 -25.84
N THR A 69 23.24 -2.92 -26.73
CA THR A 69 23.41 -4.34 -27.05
C THR A 69 24.87 -4.74 -27.06
N TYR A 70 25.09 -6.07 -27.07
CA TYR A 70 26.40 -6.65 -27.32
C TYR A 70 26.54 -6.72 -28.84
N GLY A 71 26.03 -7.79 -29.42
CA GLY A 71 26.04 -7.97 -30.87
C GLY A 71 24.66 -7.73 -31.49
N ILE A 72 24.66 -7.17 -32.69
CA ILE A 72 23.43 -6.90 -33.40
C ILE A 72 23.86 -6.69 -34.82
N GLY A 73 23.01 -7.04 -35.76
CA GLY A 73 23.38 -6.94 -37.18
C GLY A 73 23.31 -5.53 -37.70
N ARG A 74 24.06 -5.27 -38.75
CA ARG A 74 24.11 -3.95 -39.38
C ARG A 74 22.74 -3.50 -39.87
N ARG A 75 22.02 -4.41 -40.50
CA ARG A 75 20.67 -4.15 -40.98
C ARG A 75 19.73 -3.72 -39.86
N ALA A 76 19.79 -4.40 -38.70
CA ALA A 76 18.96 -4.09 -37.51
C ALA A 76 19.26 -2.68 -36.97
N ILE A 77 20.56 -2.35 -36.88
CA ILE A 77 21.04 -1.03 -36.47
C ILE A 77 20.47 -0.01 -37.43
N GLU A 78 20.63 -0.25 -38.73
CA GLU A 78 20.10 0.74 -39.69
C GLU A 78 18.57 0.93 -39.59
N TYR A 79 17.87 -0.18 -39.39
CA TYR A 79 16.44 -0.17 -39.22
C TYR A 79 16.06 0.66 -37.95
N PHE A 80 16.84 0.50 -36.88
CA PHE A 80 16.66 1.24 -35.63
C PHE A 80 16.84 2.73 -35.89
N ASN A 81 17.92 3.04 -36.59
CA ASN A 81 18.27 4.37 -36.92
C ASN A 81 17.20 5.06 -37.77
N SER A 82 16.57 4.31 -38.66
CA SER A 82 15.54 4.86 -39.52
C SER A 82 14.33 5.24 -38.66
N LEU A 83 14.17 4.59 -37.52
CA LEU A 83 13.07 4.83 -36.56
C LEU A 83 13.49 5.83 -35.47
N GLY A 84 14.65 6.44 -35.67
CA GLY A 84 15.10 7.55 -34.78
C GLY A 84 15.55 6.92 -33.48
N ILE A 85 15.94 5.65 -33.54
CA ILE A 85 16.47 4.95 -32.36
C ILE A 85 18.00 4.66 -32.48
N SER A 86 18.73 4.98 -31.42
CA SER A 86 20.20 4.90 -31.40
C SER A 86 20.55 3.60 -30.81
N VAL A 87 21.62 3.00 -31.26
CA VAL A 87 22.00 1.68 -30.76
C VAL A 87 23.43 1.79 -30.24
N VAL A 88 23.73 1.20 -29.09
CA VAL A 88 25.10 1.06 -28.60
C VAL A 88 25.47 -0.44 -28.63
N THR A 89 26.60 -0.75 -29.30
CA THR A 89 27.08 -2.13 -29.47
C THR A 89 28.28 -2.36 -28.59
N GLY A 90 28.61 -3.64 -28.33
CA GLY A 90 29.74 -3.99 -27.43
C GLY A 90 29.50 -3.97 -25.93
N VAL A 91 28.26 -3.80 -25.51
CA VAL A 91 27.90 -3.74 -24.09
C VAL A 91 27.68 -5.16 -23.57
N TYR A 92 28.26 -5.51 -22.44
CA TYR A 92 28.07 -6.85 -21.85
C TYR A 92 28.02 -6.71 -20.36
N GLY A 93 27.58 -7.79 -19.70
CA GLY A 93 27.59 -7.88 -18.25
C GLY A 93 26.21 -7.79 -17.65
N ARG A 94 26.17 -7.58 -16.32
CA ARG A 94 24.88 -7.57 -15.61
C ARG A 94 24.22 -6.27 -15.96
N ILE A 95 22.93 -6.35 -16.18
CA ILE A 95 22.24 -5.18 -16.70
C ILE A 95 22.23 -4.08 -15.67
N SER A 96 22.12 -4.42 -14.40
CA SER A 96 22.20 -3.41 -13.31
C SER A 96 23.51 -2.60 -13.39
N ASP A 97 24.63 -3.27 -13.65
CA ASP A 97 25.94 -2.64 -13.76
C ASP A 97 26.07 -1.77 -14.98
N VAL A 98 25.50 -2.24 -16.08
CA VAL A 98 25.46 -1.50 -17.34
C VAL A 98 24.73 -0.16 -17.19
N ILE A 99 23.58 -0.15 -16.52
CA ILE A 99 22.73 1.00 -16.33
C ILE A 99 23.44 2.04 -15.47
N LYS A 100 24.11 1.59 -14.43
CA LYS A 100 24.94 2.46 -13.58
C LYS A 100 26.11 3.04 -14.39
N ALA A 101 26.78 2.21 -15.19
CA ALA A 101 27.86 2.68 -16.05
C ALA A 101 27.33 3.70 -17.05
N PHE A 102 26.23 3.36 -17.69
CA PHE A 102 25.61 4.22 -18.70
C PHE A 102 25.31 5.66 -18.15
N ILE A 103 24.60 5.72 -17.04
CA ILE A 103 24.29 6.99 -16.34
C ILE A 103 25.54 7.85 -16.01
N GLY A 104 26.64 7.20 -15.62
CA GLY A 104 27.92 7.87 -15.32
C GLY A 104 28.97 8.06 -16.40
N GLY A 105 28.59 7.91 -17.69
CA GLY A 105 29.56 8.18 -18.76
C GLY A 105 30.77 7.27 -18.87
N LYS A 106 30.72 6.11 -18.18
CA LYS A 106 31.81 5.12 -18.15
C LYS A 106 31.35 3.70 -18.56
N LEU A 107 30.95 3.55 -19.80
CA LEU A 107 30.42 2.29 -20.20
C LEU A 107 31.63 1.46 -20.58
N LYS A 108 31.60 0.17 -20.25
CA LYS A 108 32.64 -0.79 -20.65
C LYS A 108 32.32 -1.50 -21.95
N ILE A 109 33.04 -1.20 -23.02
CA ILE A 109 32.67 -1.71 -24.37
C ILE A 109 33.62 -2.79 -24.83
N ASP A 110 33.08 -3.89 -25.34
CA ASP A 110 33.91 -4.91 -25.96
C ASP A 110 34.13 -4.54 -27.41
N TYR A 111 35.28 -3.89 -27.65
CA TYR A 111 35.64 -3.38 -28.97
C TYR A 111 35.63 -4.49 -29.99
N ASP A 112 35.87 -5.72 -29.52
CA ASP A 112 36.07 -6.84 -30.44
C ASP A 112 34.86 -7.74 -30.54
N TRP A 113 33.69 -7.21 -30.21
CA TRP A 113 32.44 -7.99 -30.27
C TRP A 113 32.08 -8.60 -31.63
N LYS A 114 32.77 -8.23 -32.69
CA LYS A 114 32.49 -8.79 -34.04
C LYS A 114 33.31 -10.05 -34.28
N GLU A 115 34.54 -10.11 -33.75
CA GLU A 115 35.32 -11.34 -33.85
C GLU A 115 34.95 -12.39 -32.80
N MET B 1 8.61 -2.44 2.97
CA MET B 1 7.61 -3.46 2.59
C MET B 1 7.41 -3.42 1.08
N ARG B 2 7.50 -4.60 0.45
CA ARG B 2 7.25 -4.72 -0.99
C ARG B 2 5.80 -5.13 -1.32
N VAL B 3 5.19 -4.40 -2.23
CA VAL B 3 3.80 -4.60 -2.59
C VAL B 3 3.68 -4.98 -4.08
N ALA B 4 2.81 -5.94 -4.39
CA ALA B 4 2.64 -6.42 -5.79
C ALA B 4 1.27 -6.05 -6.17
N ILE B 5 1.12 -5.58 -7.41
CA ILE B 5 -0.18 -5.13 -7.93
C ILE B 5 -0.31 -5.69 -9.36
N PRO B 6 -1.38 -6.48 -9.66
CA PRO B 6 -1.61 -7.01 -11.02
C PRO B 6 -1.95 -5.92 -12.00
N ALA B 7 -1.28 -5.85 -13.14
CA ALA B 7 -1.48 -4.75 -14.08
C ALA B 7 -2.10 -5.28 -15.36
N GLU B 8 -2.98 -4.46 -15.96
CA GLU B 8 -3.67 -4.86 -17.19
C GLU B 8 -2.75 -4.76 -18.40
N ASP B 9 -1.84 -3.79 -18.36
CA ASP B 9 -1.00 -3.39 -19.50
C ASP B 9 0.48 -3.39 -19.21
N ASP B 10 1.30 -3.31 -20.26
CA ASP B 10 2.74 -3.09 -20.14
C ASP B 10 3.03 -1.65 -19.64
N ARG B 11 2.00 -0.91 -19.36
CA ARG B 11 2.13 0.46 -18.91
C ARG B 11 2.59 0.53 -17.45
N GLY B 12 2.69 -0.65 -16.83
CA GLY B 12 3.13 -0.77 -15.45
C GLY B 12 2.46 0.17 -14.44
N ILE B 13 3.26 1.06 -13.85
CA ILE B 13 2.73 1.90 -12.76
C ILE B 13 1.74 2.95 -13.26
N LYS B 14 1.59 3.04 -14.58
CA LYS B 14 0.67 3.97 -15.24
C LYS B 14 -0.53 3.23 -15.85
N SER B 15 -0.53 1.91 -15.65
CA SER B 15 -1.64 1.05 -15.93
C SER B 15 -2.71 1.10 -14.83
N ASN B 16 -3.78 0.34 -15.08
CA ASN B 16 -4.81 0.11 -14.08
C ASN B 16 -4.70 -1.27 -13.44
N VAL B 17 -5.35 -1.41 -12.29
CA VAL B 17 -5.33 -2.68 -11.61
C VAL B 17 -6.09 -3.68 -12.48
N SER B 18 -5.52 -4.87 -12.72
CA SER B 18 -6.29 -5.86 -13.49
C SER B 18 -7.51 -6.27 -12.73
N LYS B 19 -8.62 -6.45 -13.44
CA LYS B 19 -9.90 -6.84 -12.83
C LYS B 19 -9.87 -8.26 -12.27
N HIS B 20 -9.27 -9.20 -13.01
CA HIS B 20 -9.15 -10.59 -12.54
C HIS B 20 -7.70 -10.86 -12.33
N PHE B 21 -7.33 -11.08 -11.08
CA PHE B 21 -6.00 -11.56 -10.77
C PHE B 21 -6.07 -12.95 -11.36
N GLY B 22 -5.00 -13.50 -11.83
CA GLY B 22 -5.18 -14.88 -12.32
C GLY B 22 -4.98 -14.85 -13.80
N ARG B 23 -5.69 -13.94 -14.48
CA ARG B 23 -5.49 -13.70 -15.90
C ARG B 23 -4.40 -12.65 -16.15
N SER B 24 -4.09 -11.86 -15.12
CA SER B 24 -3.14 -10.78 -15.23
C SER B 24 -1.76 -11.24 -15.77
N ARG B 25 -1.21 -10.55 -16.79
CA ARG B 25 0.06 -10.98 -17.39
C ARG B 25 1.25 -10.11 -16.94
N TYR B 26 0.95 -9.07 -16.18
CA TYR B 26 1.97 -8.15 -15.71
C TYR B 26 1.70 -7.84 -14.25
N PHE B 27 2.78 -7.74 -13.48
CA PHE B 27 2.72 -7.34 -12.10
C PHE B 27 3.62 -6.19 -11.82
N VAL B 28 3.11 -5.23 -11.07
CA VAL B 28 3.95 -4.13 -10.67
C VAL B 28 4.42 -4.42 -9.26
N PHE B 29 5.74 -4.38 -9.02
CA PHE B 29 6.32 -4.56 -7.71
C PHE B 29 6.90 -3.23 -7.28
N VAL B 30 6.61 -2.80 -6.06
CA VAL B 30 7.12 -1.52 -5.57
C VAL B 30 7.58 -1.69 -4.14
N ASP B 31 8.63 -0.98 -3.74
CA ASP B 31 9.08 -1.04 -2.35
C ASP B 31 8.69 0.25 -1.68
N ILE B 32 7.88 0.14 -0.64
CA ILE B 32 7.40 1.31 0.07
C ILE B 32 8.06 1.54 1.43
N GLU B 33 8.60 2.75 1.59
CA GLU B 33 9.12 3.26 2.88
C GLU B 33 8.55 4.65 3.19
N GLY B 34 7.62 4.77 4.13
CA GLY B 34 7.04 6.10 4.43
C GLY B 34 6.20 6.48 3.24
N GLU B 35 6.15 7.75 2.87
CA GLU B 35 5.50 8.07 1.58
C GLU B 35 6.47 8.10 0.39
N ASP B 36 7.47 7.24 0.50
CA ASP B 36 8.49 7.07 -0.53
C ASP B 36 8.38 5.71 -1.26
N VAL B 37 7.98 5.78 -2.52
CA VAL B 37 7.96 4.57 -3.36
C VAL B 37 9.29 4.51 -4.06
N LYS B 38 10.04 3.43 -3.85
CA LYS B 38 11.44 3.42 -4.32
C LYS B 38 11.82 2.61 -5.59
N ASN B 39 11.72 1.29 -5.56
CA ASN B 39 12.23 0.51 -6.71
C ASN B 39 11.10 -0.09 -7.56
N VAL B 40 10.44 0.73 -8.36
CA VAL B 40 9.29 0.33 -9.18
C VAL B 40 9.72 -0.61 -10.29
N GLU B 41 9.17 -1.80 -10.29
CA GLU B 41 9.52 -2.81 -11.27
C GLU B 41 8.23 -3.44 -11.82
N VAL B 42 8.12 -3.54 -13.14
CA VAL B 42 7.02 -4.26 -13.74
C VAL B 42 7.52 -5.46 -14.53
N VAL B 43 6.94 -6.63 -14.29
CA VAL B 43 7.46 -7.90 -14.74
C VAL B 43 6.32 -8.68 -15.42
N GLU B 44 6.53 -9.03 -16.69
CA GLU B 44 5.65 -9.96 -17.38
C GLU B 44 5.83 -11.37 -16.78
N VAL B 45 4.73 -12.04 -16.53
CA VAL B 45 4.73 -13.39 -16.00
C VAL B 45 5.31 -14.39 -17.03
N PRO B 46 6.14 -15.36 -16.56
CA PRO B 46 6.68 -16.46 -17.36
C PRO B 46 5.64 -17.50 -17.82
N PHE B 47 4.49 -17.03 -18.33
CA PHE B 47 3.45 -17.88 -18.96
C PHE B 47 3.12 -19.20 -18.26
N GLY B 53 -1.48 -21.59 -7.51
CA GLY B 53 -0.15 -22.28 -7.45
C GLY B 53 1.07 -21.49 -7.97
N ASP B 54 1.15 -21.33 -9.29
CA ASP B 54 2.27 -20.65 -9.96
C ASP B 54 2.26 -19.15 -9.77
N LEU B 55 1.10 -18.53 -9.70
CA LEU B 55 1.13 -17.07 -9.56
C LEU B 55 1.59 -16.66 -8.15
N PRO B 56 0.97 -17.23 -7.10
CA PRO B 56 1.47 -17.00 -5.76
C PRO B 56 2.96 -17.25 -5.53
N ASN B 57 3.51 -18.28 -6.16
CA ASN B 57 4.95 -18.52 -6.09
C ASN B 57 5.76 -17.43 -6.82
N PHE B 58 5.25 -16.96 -7.96
CA PHE B 58 5.95 -15.94 -8.76
C PHE B 58 6.03 -14.65 -7.88
N ILE B 59 4.99 -14.40 -7.10
CA ILE B 59 4.97 -13.22 -6.28
C ILE B 59 5.92 -13.37 -5.05
N LYS B 60 5.93 -14.56 -4.45
CA LYS B 60 6.78 -14.83 -3.32
C LYS B 60 8.26 -14.72 -3.75
N ASP B 61 8.59 -15.40 -4.83
CA ASP B 61 9.98 -15.39 -5.35
C ASP B 61 10.42 -13.97 -5.66
N HIS B 62 9.45 -13.10 -5.99
CA HIS B 62 9.70 -11.67 -6.16
C HIS B 62 9.72 -10.84 -4.84
N GLY B 63 9.54 -11.50 -3.72
CA GLY B 63 9.69 -10.78 -2.47
C GLY B 63 8.47 -10.01 -1.98
N ALA B 64 7.32 -10.05 -2.69
CA ALA B 64 6.19 -9.19 -2.25
C ALA B 64 5.48 -9.73 -0.99
N LYS B 65 5.09 -8.79 -0.12
CA LYS B 65 4.41 -9.21 1.12
C LYS B 65 2.93 -8.91 1.15
N ILE B 66 2.50 -8.00 0.30
CA ILE B 66 1.13 -7.56 0.25
C ILE B 66 0.83 -7.50 -1.21
N VAL B 67 -0.36 -7.96 -1.55
CA VAL B 67 -0.87 -7.91 -2.90
C VAL B 67 -2.13 -7.08 -2.84
N LEU B 68 -2.16 -6.03 -3.66
CA LEU B 68 -3.33 -5.20 -3.95
C LEU B 68 -4.01 -5.56 -5.26
N THR B 69 -5.30 -5.94 -5.16
CA THR B 69 -6.01 -6.48 -6.30
C THR B 69 -7.43 -5.96 -6.33
N TYR B 70 -8.07 -6.13 -7.48
CA TYR B 70 -9.47 -5.80 -7.57
C TYR B 70 -10.22 -7.07 -7.19
N GLY B 71 -10.24 -8.01 -8.13
CA GLY B 71 -10.86 -9.31 -7.93
C GLY B 71 -9.88 -10.46 -7.90
N ILE B 72 -10.17 -11.44 -7.09
CA ILE B 72 -9.33 -12.61 -6.90
C ILE B 72 -10.24 -13.67 -6.24
N GLY B 73 -10.05 -14.95 -6.61
CA GLY B 73 -10.84 -16.00 -6.00
C GLY B 73 -10.38 -16.42 -4.63
N ARG B 74 -11.30 -16.99 -3.87
CA ARG B 74 -11.10 -17.51 -2.53
C ARG B 74 -9.86 -18.38 -2.35
N ARG B 75 -9.71 -19.40 -3.20
CA ARG B 75 -8.57 -20.27 -3.10
C ARG B 75 -7.24 -19.57 -3.35
N ALA B 76 -7.19 -18.59 -4.25
CA ALA B 76 -5.91 -17.85 -4.49
C ALA B 76 -5.59 -16.96 -3.29
N ILE B 77 -6.60 -16.38 -2.67
CA ILE B 77 -6.34 -15.59 -1.47
C ILE B 77 -5.73 -16.44 -0.39
N GLU B 78 -6.28 -17.66 -0.21
CA GLU B 78 -5.85 -18.58 0.85
C GLU B 78 -4.43 -19.13 0.54
N TYR B 79 -4.10 -19.16 -0.74
CA TYR B 79 -2.82 -19.64 -1.16
C TYR B 79 -1.78 -18.66 -0.72
N PHE B 80 -2.02 -17.40 -1.05
CA PHE B 80 -1.17 -16.30 -0.67
C PHE B 80 -0.99 -16.32 0.83
N ASN B 81 -2.10 -16.52 1.51
CA ASN B 81 -2.08 -16.34 2.94
C ASN B 81 -1.20 -17.42 3.53
N SER B 82 -1.27 -18.65 2.97
CA SER B 82 -0.39 -19.70 3.49
C SER B 82 1.08 -19.42 3.27
N LEU B 83 1.41 -18.57 2.32
CA LEU B 83 2.78 -18.20 2.05
C LEU B 83 3.15 -16.93 2.82
N GLY B 84 2.24 -16.47 3.69
CA GLY B 84 2.55 -15.31 4.48
C GLY B 84 2.40 -13.99 3.71
N ILE B 85 1.61 -14.03 2.65
CA ILE B 85 1.29 -12.88 1.85
C ILE B 85 -0.16 -12.49 2.12
N SER B 86 -0.33 -11.23 2.47
CA SER B 86 -1.65 -10.67 2.78
C SER B 86 -2.21 -10.06 1.49
N VAL B 87 -3.51 -10.11 1.29
CA VAL B 87 -4.13 -9.68 0.06
C VAL B 87 -5.26 -8.70 0.33
N VAL B 88 -5.26 -7.57 -0.40
CA VAL B 88 -6.33 -6.56 -0.30
C VAL B 88 -7.15 -6.64 -1.58
N THR B 89 -8.50 -6.61 -1.48
CA THR B 89 -9.42 -6.81 -2.65
C THR B 89 -10.25 -5.52 -2.88
N GLY B 90 -10.75 -5.33 -4.08
CA GLY B 90 -11.64 -4.20 -4.36
C GLY B 90 -10.91 -2.93 -4.72
N VAL B 91 -9.59 -2.99 -4.86
CA VAL B 91 -8.78 -1.86 -5.33
C VAL B 91 -8.87 -1.73 -6.86
N TYR B 92 -9.03 -0.50 -7.35
CA TYR B 92 -9.15 -0.25 -8.77
C TYR B 92 -8.45 1.02 -9.25
N GLY B 93 -8.31 1.15 -10.56
CA GLY B 93 -7.84 2.38 -11.15
C GLY B 93 -6.34 2.36 -11.35
N ARG B 94 -5.79 3.53 -11.59
CA ARG B 94 -4.41 3.68 -11.94
C ARG B 94 -3.51 3.35 -10.78
N ILE B 95 -2.49 2.57 -11.05
CA ILE B 95 -1.74 1.91 -9.98
C ILE B 95 -0.94 2.93 -9.21
N SER B 96 -0.54 3.98 -9.92
CA SER B 96 0.23 5.08 -9.33
C SER B 96 -0.57 5.72 -8.20
N ASP B 97 -1.83 5.96 -8.53
CA ASP B 97 -2.80 6.53 -7.64
C ASP B 97 -3.09 5.57 -6.48
N VAL B 98 -3.28 4.29 -6.80
CA VAL B 98 -3.48 3.29 -5.81
C VAL B 98 -2.30 3.28 -4.85
N ILE B 99 -1.09 3.38 -5.38
CA ILE B 99 0.04 3.30 -4.48
C ILE B 99 0.10 4.48 -3.52
N LYS B 100 -0.17 5.67 -4.01
CA LYS B 100 -0.28 6.86 -3.14
C LYS B 100 -1.34 6.70 -2.02
N ALA B 101 -2.51 6.19 -2.41
CA ALA B 101 -3.65 5.91 -1.50
C ALA B 101 -3.37 4.86 -0.42
N PHE B 102 -2.68 3.79 -0.81
CA PHE B 102 -2.23 2.77 0.14
C PHE B 102 -1.32 3.40 1.18
N ILE B 103 -0.34 4.11 0.68
CA ILE B 103 0.67 4.77 1.50
C ILE B 103 0.11 5.75 2.57
N GLY B 104 -0.97 6.45 2.22
CA GLY B 104 -1.57 7.41 3.13
C GLY B 104 -2.66 6.73 3.94
N GLY B 105 -2.59 5.41 4.00
CA GLY B 105 -3.59 4.66 4.65
C GLY B 105 -5.03 4.87 4.23
N LYS B 106 -5.36 5.43 3.04
CA LYS B 106 -6.76 5.69 2.61
C LYS B 106 -7.09 5.07 1.20
N LEU B 107 -7.47 3.80 1.12
CA LEU B 107 -7.71 3.19 -0.22
C LEU B 107 -9.11 3.46 -0.68
N LYS B 108 -9.26 3.64 -1.99
CA LYS B 108 -10.54 3.77 -2.69
C LYS B 108 -10.88 2.36 -3.14
N ILE B 109 -11.82 1.75 -2.43
CA ILE B 109 -12.14 0.36 -2.65
C ILE B 109 -13.57 0.20 -3.17
N ASP B 110 -13.72 -0.75 -4.08
CA ASP B 110 -15.01 -1.10 -4.59
C ASP B 110 -15.55 -2.21 -3.79
N TYR B 111 -16.46 -1.91 -2.87
CA TYR B 111 -16.92 -2.93 -1.92
C TYR B 111 -17.75 -4.00 -2.65
N ASP B 112 -18.24 -3.62 -3.82
CA ASP B 112 -19.13 -4.53 -4.56
C ASP B 112 -18.43 -5.32 -5.64
N TRP B 113 -17.10 -5.40 -5.52
CA TRP B 113 -16.26 -5.91 -6.51
C TRP B 113 -16.57 -7.36 -6.91
N LYS B 114 -17.09 -8.26 -6.05
CA LYS B 114 -17.20 -9.63 -6.63
C LYS B 114 -18.40 -9.92 -7.53
N GLU B 115 -19.52 -9.27 -7.29
CA GLU B 115 -20.52 -9.30 -8.34
C GLU B 115 -19.96 -8.57 -9.62
N LYS B 116 -19.56 -9.40 -10.60
CA LYS B 116 -18.65 -9.01 -11.78
C LYS B 116 -17.34 -9.76 -11.96
N MET C 1 7.82 -3.86 9.94
CA MET C 1 6.35 -3.97 9.77
C MET C 1 5.69 -4.37 11.09
N ARG C 2 4.61 -3.68 11.45
CA ARG C 2 3.91 -3.95 12.69
C ARG C 2 2.67 -4.75 12.34
N VAL C 3 2.49 -5.83 13.07
CA VAL C 3 1.41 -6.79 12.81
C VAL C 3 0.55 -6.91 14.05
N ALA C 4 -0.76 -6.94 13.93
CA ALA C 4 -1.63 -7.10 15.09
C ALA C 4 -2.27 -8.50 15.07
N ILE C 5 -2.50 -9.10 16.26
CA ILE C 5 -3.09 -10.46 16.35
C ILE C 5 -4.06 -10.52 17.50
N PRO C 6 -5.37 -10.78 17.23
CA PRO C 6 -6.30 -10.85 18.34
C PRO C 6 -5.92 -12.01 19.29
N ALA C 7 -5.81 -11.71 20.58
CA ALA C 7 -5.45 -12.74 21.61
C ALA C 7 -6.58 -13.11 22.54
N GLU C 8 -6.67 -14.41 22.84
CA GLU C 8 -7.67 -14.96 23.79
C GLU C 8 -7.53 -14.31 25.17
N ASP C 9 -6.33 -14.35 25.71
CA ASP C 9 -6.03 -13.82 27.04
C ASP C 9 -4.87 -12.82 27.01
N ASP C 10 -4.49 -12.32 28.18
CA ASP C 10 -3.39 -11.33 28.31
C ASP C 10 -1.98 -11.88 28.05
N ILE C 13 2.36 -13.52 23.69
CA ILE C 13 2.55 -14.55 22.65
C ILE C 13 2.30 -15.97 23.13
N LYS C 14 2.11 -16.16 24.42
CA LYS C 14 1.86 -17.50 24.94
C LYS C 14 0.37 -17.81 24.93
N SER C 15 -0.41 -16.91 24.32
CA SER C 15 -1.85 -17.14 24.19
C SER C 15 -2.14 -17.65 22.80
N ASN C 16 -3.42 -17.85 22.54
CA ASN C 16 -3.89 -18.29 21.26
C ASN C 16 -4.61 -17.18 20.49
N VAL C 17 -4.49 -17.24 19.17
CA VAL C 17 -5.30 -16.41 18.30
C VAL C 17 -6.76 -16.56 18.75
N SER C 18 -7.43 -15.44 19.01
CA SER C 18 -8.86 -15.49 19.37
C SER C 18 -9.77 -15.87 18.16
N LYS C 19 -10.71 -16.79 18.38
CA LYS C 19 -11.51 -17.38 17.28
C LYS C 19 -12.31 -16.33 16.54
N HIS C 20 -12.81 -15.34 17.27
CA HIS C 20 -13.72 -14.38 16.70
C HIS C 20 -13.07 -13.05 16.88
N PHE C 21 -12.64 -12.44 15.78
CA PHE C 21 -12.15 -11.10 15.86
C PHE C 21 -13.42 -10.34 16.02
N GLY C 22 -13.47 -9.56 17.07
CA GLY C 22 -14.72 -8.84 17.30
C GLY C 22 -15.02 -8.98 18.74
N ARG C 23 -14.86 -10.20 19.21
CA ARG C 23 -15.11 -10.50 20.61
C ARG C 23 -13.82 -10.32 21.42
N SER C 24 -12.67 -10.07 20.77
CA SER C 24 -11.38 -10.08 21.50
C SER C 24 -11.16 -8.90 22.42
N ARG C 25 -10.54 -9.18 23.56
CA ARG C 25 -10.31 -8.18 24.57
C ARG C 25 -8.87 -7.75 24.56
N TYR C 26 -8.02 -8.57 23.95
CA TYR C 26 -6.59 -8.31 23.82
C TYR C 26 -6.04 -8.44 22.39
N PHE C 27 -5.06 -7.59 22.05
CA PHE C 27 -4.27 -7.69 20.81
C PHE C 27 -2.78 -7.70 21.08
N VAL C 28 -2.10 -8.58 20.38
CA VAL C 28 -0.64 -8.64 20.44
C VAL C 28 -0.13 -7.85 19.23
N PHE C 29 0.70 -6.82 19.46
CA PHE C 29 1.28 -6.05 18.37
C PHE C 29 2.75 -6.40 18.24
N VAL C 30 3.17 -6.67 17.02
CA VAL C 30 4.52 -7.23 16.83
C VAL C 30 5.27 -6.40 15.82
N ASP C 31 6.50 -6.04 16.12
CA ASP C 31 7.28 -5.35 15.12
C ASP C 31 8.22 -6.33 14.48
N ILE C 32 8.21 -6.34 13.16
CA ILE C 32 9.03 -7.30 12.46
C ILE C 32 9.84 -6.52 11.44
N GLU C 33 11.15 -6.52 11.63
CA GLU C 33 12.10 -5.95 10.69
C GLU C 33 13.02 -7.08 10.32
N GLY C 34 13.10 -7.39 9.03
CA GLY C 34 13.87 -8.53 8.56
C GLY C 34 13.12 -9.79 8.88
N GLU C 35 13.73 -10.61 9.71
CA GLU C 35 13.23 -11.90 10.16
C GLU C 35 13.23 -11.86 11.67
N ASP C 36 13.46 -10.65 12.19
CA ASP C 36 13.49 -10.42 13.63
C ASP C 36 12.20 -9.81 14.15
N VAL C 37 11.83 -10.21 15.35
CA VAL C 37 10.73 -9.64 16.09
C VAL C 37 11.34 -8.57 17.01
N LYS C 38 11.38 -7.32 16.54
CA LYS C 38 12.04 -6.23 17.26
C LYS C 38 11.46 -5.98 18.64
N ASN C 39 10.17 -6.31 18.80
CA ASN C 39 9.35 -5.92 19.96
C ASN C 39 7.98 -6.61 19.96
N VAL C 40 7.33 -6.65 21.13
CA VAL C 40 5.99 -7.20 21.27
C VAL C 40 5.33 -6.55 22.50
N GLU C 41 4.05 -6.22 22.39
CA GLU C 41 3.32 -5.69 23.52
C GLU C 41 1.88 -6.13 23.44
N VAL C 42 1.27 -6.28 24.59
CA VAL C 42 -0.12 -6.67 24.64
C VAL C 42 -0.95 -5.45 25.04
N VAL C 43 -2.00 -5.19 24.26
CA VAL C 43 -2.94 -4.17 24.68
C VAL C 43 -4.35 -4.69 24.81
N GLU C 44 -5.01 -4.23 25.87
CA GLU C 44 -6.37 -4.61 26.16
C GLU C 44 -7.33 -3.68 25.45
N VAL C 45 -8.40 -4.20 24.88
CA VAL C 45 -9.42 -3.32 24.32
C VAL C 45 -10.48 -2.96 25.39
N PRO C 46 -10.77 -1.66 25.53
CA PRO C 46 -11.94 -1.16 26.32
C PRO C 46 -13.22 -1.95 25.96
N PHE C 47 -14.18 -1.98 26.88
CA PHE C 47 -15.32 -2.85 26.72
C PHE C 47 -16.15 -2.64 25.48
N GLU C 48 -16.56 -1.41 25.16
CA GLU C 48 -17.47 -1.29 23.98
C GLU C 48 -16.79 -1.00 22.65
N GLU C 49 -16.57 -2.07 21.88
CA GLU C 49 -16.13 -1.98 20.48
C GLU C 49 -17.11 -2.74 19.59
N HIS C 50 -17.96 -1.98 18.89
CA HIS C 50 -18.86 -2.53 17.91
C HIS C 50 -19.46 -1.37 17.16
N GLY C 53 -16.93 -0.47 12.92
CA GLY C 53 -15.68 0.29 12.83
C GLY C 53 -14.74 0.08 14.01
N ASP C 54 -15.11 0.40 15.24
CA ASP C 54 -14.15 0.42 16.40
C ASP C 54 -12.83 -0.39 16.40
N LEU C 55 -12.90 -1.70 16.27
CA LEU C 55 -11.67 -2.45 16.35
C LEU C 55 -10.66 -2.05 15.26
N PRO C 56 -11.09 -1.94 13.98
CA PRO C 56 -10.17 -1.44 12.95
C PRO C 56 -9.47 -0.14 13.29
N ASN C 57 -10.20 0.86 13.75
CA ASN C 57 -9.56 2.10 14.15
C ASN C 57 -8.59 1.98 15.33
N PHE C 58 -8.94 1.16 16.31
CA PHE C 58 -8.03 0.88 17.43
C PHE C 58 -6.69 0.32 16.89
N ILE C 59 -6.75 -0.56 15.90
CA ILE C 59 -5.54 -1.18 15.31
C ILE C 59 -4.73 -0.20 14.53
N LYS C 60 -5.40 0.59 13.71
CA LYS C 60 -4.75 1.70 12.99
C LYS C 60 -4.07 2.64 14.01
N ASP C 61 -4.83 3.00 15.04
CA ASP C 61 -4.35 3.85 16.15
C ASP C 61 -3.01 3.37 16.68
N HIS C 62 -2.83 2.05 16.73
CA HIS C 62 -1.65 1.42 17.24
C HIS C 62 -0.64 1.13 16.16
N GLY C 63 -0.90 1.60 14.96
CA GLY C 63 0.13 1.56 13.92
C GLY C 63 0.30 0.24 13.17
N ALA C 64 -0.60 -0.73 13.37
CA ALA C 64 -0.42 -2.03 12.73
C ALA C 64 -0.87 -1.99 11.29
N LYS C 65 -0.13 -2.64 10.38
CA LYS C 65 -0.49 -2.57 8.96
C LYS C 65 -1.05 -3.92 8.52
N ILE C 66 -0.82 -4.95 9.31
CA ILE C 66 -1.35 -6.27 8.94
C ILE C 66 -1.95 -6.90 10.15
N VAL C 67 -3.08 -7.59 9.98
CA VAL C 67 -3.75 -8.24 11.14
C VAL C 67 -3.92 -9.72 10.81
N LEU C 68 -3.50 -10.60 11.72
CA LEU C 68 -3.67 -12.03 11.48
C LEU C 68 -4.77 -12.50 12.40
N THR C 69 -5.88 -12.97 11.80
CA THR C 69 -7.02 -13.42 12.56
C THR C 69 -7.44 -14.83 12.20
N TYR C 70 -8.29 -15.41 13.02
CA TYR C 70 -8.90 -16.68 12.66
C TYR C 70 -10.20 -16.38 11.92
N GLY C 71 -11.23 -15.95 12.64
CA GLY C 71 -12.46 -15.61 12.00
C GLY C 71 -12.68 -14.12 12.08
N ILE C 72 -13.33 -13.56 11.10
CA ILE C 72 -13.65 -12.14 11.15
C ILE C 72 -14.80 -11.84 10.20
N GLY C 73 -15.67 -10.90 10.55
CA GLY C 73 -16.79 -10.56 9.66
C GLY C 73 -16.35 -9.73 8.48
N ARG C 74 -17.08 -9.80 7.37
CA ARG C 74 -16.67 -9.05 6.16
C ARG C 74 -16.69 -7.56 6.29
N ARG C 75 -17.54 -7.04 7.18
CA ARG C 75 -17.65 -5.61 7.41
C ARG C 75 -16.38 -5.07 7.97
N ALA C 76 -15.81 -5.83 8.89
CA ALA C 76 -14.54 -5.49 9.50
C ALA C 76 -13.39 -5.58 8.50
N ILE C 77 -13.33 -6.61 7.64
CA ILE C 77 -12.36 -6.67 6.53
C ILE C 77 -12.38 -5.46 5.64
N GLU C 78 -13.57 -5.03 5.23
CA GLU C 78 -13.78 -3.82 4.43
C GLU C 78 -13.21 -2.56 5.13
N TYR C 79 -13.58 -2.36 6.37
CA TYR C 79 -13.06 -1.23 7.14
C TYR C 79 -11.54 -1.23 7.19
N PHE C 80 -10.93 -2.38 7.41
CA PHE C 80 -9.48 -2.49 7.48
C PHE C 80 -8.86 -2.10 6.19
N ASN C 81 -9.38 -2.65 5.11
CA ASN C 81 -8.88 -2.37 3.79
C ASN C 81 -9.00 -0.91 3.38
N SER C 82 -10.12 -0.29 3.75
CA SER C 82 -10.31 1.08 3.48
C SER C 82 -9.28 1.92 4.22
N LEU C 83 -8.77 1.41 5.36
CA LEU C 83 -7.68 2.08 6.10
C LEU C 83 -6.24 1.71 5.59
N GLY C 84 -6.17 0.96 4.50
CA GLY C 84 -4.90 0.48 3.98
C GLY C 84 -4.35 -0.68 4.79
N ILE C 85 -5.20 -1.35 5.55
CA ILE C 85 -4.67 -2.42 6.44
C ILE C 85 -5.08 -3.77 5.85
N SER C 86 -4.11 -4.68 5.80
CA SER C 86 -4.35 -5.98 5.16
C SER C 86 -4.68 -6.97 6.22
N VAL C 87 -5.45 -7.99 5.84
CA VAL C 87 -5.97 -8.98 6.80
C VAL C 87 -5.75 -10.41 6.31
N VAL C 88 -5.28 -11.26 7.20
CA VAL C 88 -5.19 -12.69 6.95
C VAL C 88 -6.16 -13.42 7.85
N THR C 89 -7.01 -14.27 7.27
CA THR C 89 -8.06 -14.98 7.99
C THR C 89 -7.65 -16.49 8.10
N GLY C 90 -8.34 -17.22 8.96
CA GLY C 90 -8.08 -18.67 9.14
C GLY C 90 -6.81 -19.11 9.85
N VAL C 91 -6.09 -18.15 10.43
CA VAL C 91 -4.95 -18.34 11.32
C VAL C 91 -5.33 -18.80 12.75
N TYR C 92 -4.61 -19.78 13.27
CA TYR C 92 -4.99 -20.35 14.52
C TYR C 92 -3.79 -20.88 15.28
N GLY C 93 -3.96 -21.12 16.58
CA GLY C 93 -2.84 -21.60 17.37
C GLY C 93 -2.26 -20.56 18.32
N ARG C 94 -1.15 -20.94 18.90
CA ARG C 94 -0.39 -20.13 19.82
C ARG C 94 0.30 -19.02 19.06
N ILE C 95 0.10 -17.78 19.52
CA ILE C 95 0.62 -16.65 18.83
C ILE C 95 2.13 -16.74 18.56
N SER C 96 2.89 -17.29 19.51
CA SER C 96 4.35 -17.37 19.29
C SER C 96 4.65 -18.14 17.98
N ASP C 97 3.95 -19.26 17.79
CA ASP C 97 4.16 -20.12 16.63
C ASP C 97 3.78 -19.36 15.39
N VAL C 98 2.57 -18.76 15.42
CA VAL C 98 2.00 -18.00 14.30
C VAL C 98 2.97 -16.94 13.80
N ILE C 99 3.65 -16.30 14.76
CA ILE C 99 4.71 -15.33 14.40
C ILE C 99 5.82 -16.01 13.65
N LYS C 100 6.26 -17.17 14.13
CA LYS C 100 7.33 -17.89 13.41
C LYS C 100 6.93 -18.28 12.00
N ALA C 101 5.70 -18.76 11.88
CA ALA C 101 5.14 -19.21 10.59
C ALA C 101 4.97 -18.09 9.64
N PHE C 102 4.59 -16.91 10.16
CA PHE C 102 4.31 -15.73 9.32
C PHE C 102 5.60 -15.29 8.76
N ILE C 103 6.58 -15.11 9.63
CA ILE C 103 7.91 -14.68 9.14
C ILE C 103 8.57 -15.68 8.15
N GLY C 104 8.29 -16.98 8.32
CA GLY C 104 8.97 -17.97 7.52
C GLY C 104 8.20 -18.21 6.25
N GLY C 105 7.06 -17.51 6.13
CA GLY C 105 6.15 -17.65 4.98
C GLY C 105 5.44 -18.97 4.89
N LYS C 106 4.88 -19.46 6.01
CA LYS C 106 4.24 -20.77 6.05
C LYS C 106 3.18 -20.80 7.14
N LEU C 107 2.19 -19.96 6.96
CA LEU C 107 1.07 -19.87 7.90
C LEU C 107 0.23 -21.11 7.71
N LYS C 108 -0.06 -21.77 8.84
CA LYS C 108 -1.01 -22.87 8.85
C LYS C 108 -2.37 -22.18 8.79
N ILE C 109 -3.12 -22.43 7.71
CA ILE C 109 -4.41 -21.76 7.53
C ILE C 109 -5.56 -22.78 7.57
N ASP C 110 -6.56 -22.53 8.42
CA ASP C 110 -7.80 -23.31 8.41
C ASP C 110 -8.65 -22.77 7.25
N TYR C 111 -8.49 -23.38 6.07
CA TYR C 111 -9.29 -23.04 4.88
C TYR C 111 -10.82 -23.06 5.08
N ASP C 112 -11.30 -23.89 6.02
CA ASP C 112 -12.73 -24.05 6.27
C ASP C 112 -13.20 -23.35 7.55
N TRP C 113 -12.50 -22.31 7.94
CA TRP C 113 -12.87 -21.59 9.13
C TRP C 113 -14.25 -21.00 8.97
N LYS C 114 -14.60 -20.54 7.75
CA LYS C 114 -15.86 -19.81 7.52
C LYS C 114 -17.08 -20.43 8.21
N GLU C 115 -17.34 -21.71 7.93
CA GLU C 115 -18.30 -22.39 8.78
C GLU C 115 -17.54 -23.53 9.40
N LYS C 116 -17.08 -23.26 10.62
CA LYS C 116 -16.60 -24.24 11.60
C LYS C 116 -16.93 -23.69 13.00
N MET D 1 -0.89 13.10 13.95
CA MET D 1 -2.04 13.21 14.90
C MET D 1 -3.37 13.32 14.23
N ARG D 2 -4.47 13.16 14.95
CA ARG D 2 -5.73 13.21 14.24
C ARG D 2 -6.57 14.14 15.07
N VAL D 3 -7.13 15.14 14.43
CA VAL D 3 -7.93 16.14 15.15
C VAL D 3 -9.36 16.06 14.59
N ALA D 4 -10.34 16.12 15.49
CA ALA D 4 -11.78 16.22 15.16
C ALA D 4 -12.37 17.61 15.36
N ILE D 5 -13.18 18.03 14.38
CA ILE D 5 -13.89 19.31 14.45
C ILE D 5 -15.35 19.02 14.12
N PRO D 6 -16.29 19.38 15.03
CA PRO D 6 -17.74 19.22 14.79
C PRO D 6 -18.21 20.23 13.73
N ALA D 7 -18.89 19.76 12.69
CA ALA D 7 -19.32 20.60 11.58
C ALA D 7 -20.79 20.94 11.79
N GLU D 8 -21.17 22.19 11.51
CA GLU D 8 -22.59 22.61 11.73
C GLU D 8 -23.55 21.98 10.71
N ASP D 9 -23.05 21.67 9.53
CA ASP D 9 -23.85 21.01 8.51
C ASP D 9 -23.03 20.02 7.74
N ASP D 10 -23.64 19.49 6.67
CA ASP D 10 -23.03 18.41 5.91
C ASP D 10 -21.96 18.88 4.93
N ARG D 11 -21.65 20.18 4.92
CA ARG D 11 -20.63 20.75 4.04
C ARG D 11 -19.19 20.29 4.29
N GLY D 12 -18.90 19.55 5.35
CA GLY D 12 -17.48 19.16 5.61
C GLY D 12 -16.51 20.33 5.88
N ILE D 13 -15.42 20.38 5.09
CA ILE D 13 -14.36 21.35 5.26
C ILE D 13 -14.82 22.73 4.85
N LYS D 14 -15.89 22.77 4.04
CA LYS D 14 -16.65 24.02 3.78
C LYS D 14 -17.61 24.41 4.91
N SER D 15 -17.86 23.52 5.83
CA SER D 15 -18.80 23.91 6.94
C SER D 15 -18.08 24.78 7.97
N ASN D 16 -18.85 25.34 8.89
CA ASN D 16 -18.28 26.02 10.03
C ASN D 16 -18.24 25.19 11.29
N VAL D 17 -17.36 25.55 12.20
CA VAL D 17 -17.32 24.85 13.45
C VAL D 17 -18.72 24.95 14.05
N SER D 18 -19.30 23.82 14.47
CA SER D 18 -20.61 23.91 15.13
C SER D 18 -20.56 24.66 16.46
N LYS D 19 -21.51 25.59 16.62
CA LYS D 19 -21.55 26.44 17.78
C LYS D 19 -21.73 25.55 18.99
N HIS D 20 -22.44 24.44 18.80
CA HIS D 20 -22.77 23.54 19.88
C HIS D 20 -22.25 22.18 19.57
N PHE D 21 -21.38 21.69 20.43
CA PHE D 21 -20.94 20.36 20.29
C PHE D 21 -22.12 19.54 20.82
N GLY D 22 -22.36 18.36 20.34
CA GLY D 22 -23.51 17.74 20.98
C GLY D 22 -24.70 17.83 20.05
N ARG D 23 -24.92 18.99 19.41
CA ARG D 23 -25.93 19.01 18.34
C ARG D 23 -25.38 18.48 17.00
N SER D 24 -24.07 18.48 16.91
CA SER D 24 -23.34 18.12 15.74
C SER D 24 -23.67 16.71 15.18
N ARG D 25 -23.93 16.64 13.89
CA ARG D 25 -24.27 15.39 13.26
C ARG D 25 -23.21 14.96 12.22
N TYR D 26 -22.17 15.78 12.09
CA TYR D 26 -21.05 15.46 11.21
C TYR D 26 -19.78 15.86 11.92
N PHE D 27 -18.73 15.07 11.70
CA PHE D 27 -17.42 15.45 12.18
C PHE D 27 -16.38 15.32 11.07
N VAL D 28 -15.48 16.32 11.03
CA VAL D 28 -14.37 16.37 10.10
C VAL D 28 -13.13 15.91 10.85
N PHE D 29 -12.55 14.79 10.46
CA PHE D 29 -11.32 14.33 11.08
C PHE D 29 -10.14 14.69 10.16
N VAL D 30 -9.10 15.31 10.74
CA VAL D 30 -7.96 15.84 9.97
C VAL D 30 -6.66 15.17 10.46
N ASP D 31 -6.03 14.38 9.60
CA ASP D 31 -4.77 13.77 9.93
C ASP D 31 -3.68 14.75 9.64
N ILE D 32 -2.95 15.14 10.68
CA ILE D 32 -1.82 16.09 10.61
C ILE D 32 -0.50 15.41 10.95
N GLU D 33 0.43 15.39 9.99
CA GLU D 33 1.79 14.83 10.17
C GLU D 33 2.87 15.84 9.74
N GLY D 34 3.75 16.20 10.65
CA GLY D 34 4.77 17.20 10.33
C GLY D 34 4.21 18.57 9.97
N GLU D 35 3.14 18.92 10.66
CA GLU D 35 2.31 20.05 10.32
C GLU D 35 1.75 20.13 8.89
N ASP D 36 1.62 18.98 8.24
CA ASP D 36 0.91 18.91 6.93
C ASP D 36 -0.30 18.04 7.06
N VAL D 37 -1.40 18.48 6.47
CA VAL D 37 -2.63 17.64 6.36
C VAL D 37 -2.34 16.49 5.42
N LYS D 38 -2.46 15.28 5.94
CA LYS D 38 -2.25 14.05 5.21
C LYS D 38 -3.54 13.48 4.63
N ASN D 39 -4.66 13.65 5.35
CA ASN D 39 -5.98 13.17 4.92
C ASN D 39 -7.06 13.98 5.58
N VAL D 40 -8.20 14.11 4.88
CA VAL D 40 -9.37 14.76 5.45
C VAL D 40 -10.56 13.83 5.20
N GLU D 41 -11.36 13.59 6.24
CA GLU D 41 -12.65 12.95 6.04
C GLU D 41 -13.75 13.36 7.00
N VAL D 42 -14.96 13.42 6.46
CA VAL D 42 -16.14 13.72 7.26
C VAL D 42 -16.88 12.41 7.49
N VAL D 43 -17.35 12.27 8.72
CA VAL D 43 -18.09 11.10 9.13
C VAL D 43 -19.33 11.56 9.87
N GLU D 44 -20.41 10.86 9.59
CA GLU D 44 -21.75 11.16 10.12
C GLU D 44 -21.88 10.46 11.43
N VAL D 45 -22.34 11.20 12.44
CA VAL D 45 -22.62 10.66 13.72
C VAL D 45 -23.78 9.65 13.47
N PRO D 46 -23.49 8.33 13.64
CA PRO D 46 -24.57 7.36 13.42
C PRO D 46 -25.56 7.30 14.62
N PHE D 47 -25.63 8.38 15.41
CA PHE D 47 -26.51 8.42 16.57
C PHE D 47 -27.80 9.16 16.38
N GLY D 51 -26.82 8.96 25.69
CA GLY D 51 -26.07 9.21 26.94
C GLY D 51 -24.88 10.12 26.75
N PRO D 52 -24.41 10.77 27.83
CA PRO D 52 -23.34 11.75 27.68
C PRO D 52 -21.95 11.18 27.31
N GLY D 53 -21.92 9.91 26.90
CA GLY D 53 -20.66 9.25 26.60
C GLY D 53 -20.62 8.83 25.17
N ASP D 54 -21.77 8.90 24.52
CA ASP D 54 -21.88 8.63 23.12
C ASP D 54 -20.90 9.32 22.16
N LEU D 55 -20.96 10.65 22.12
CA LEU D 55 -20.12 11.39 21.21
C LEU D 55 -18.63 11.29 21.56
N PRO D 56 -18.28 11.41 22.86
CA PRO D 56 -16.83 11.22 23.19
C PRO D 56 -16.33 9.83 22.73
N ASN D 57 -17.12 8.78 23.00
CA ASN D 57 -16.73 7.41 22.64
C ASN D 57 -16.66 7.37 21.11
N PHE D 58 -17.59 8.01 20.42
CA PHE D 58 -17.56 8.11 18.96
C PHE D 58 -16.24 8.72 18.45
N ILE D 59 -15.80 9.75 19.13
CA ILE D 59 -14.63 10.46 18.66
C ILE D 59 -13.35 9.68 19.00
N LYS D 60 -13.26 9.20 20.23
CA LYS D 60 -12.17 8.32 20.63
C LYS D 60 -12.04 7.15 19.66
N ASP D 61 -13.17 6.55 19.30
CA ASP D 61 -13.16 5.33 18.46
C ASP D 61 -12.88 5.65 16.99
N HIS D 62 -12.72 6.91 16.68
CA HIS D 62 -12.17 7.27 15.41
C HIS D 62 -10.75 7.69 15.38
N GLY D 63 -10.08 7.57 16.52
CA GLY D 63 -8.63 7.80 16.62
C GLY D 63 -8.24 9.26 16.89
N ALA D 64 -9.21 10.13 17.16
CA ALA D 64 -8.94 11.58 17.39
C ALA D 64 -8.32 11.83 18.75
N LYS D 65 -7.25 12.62 18.76
CA LYS D 65 -6.58 12.91 20.06
C LYS D 65 -6.93 14.27 20.62
N ILE D 66 -7.36 15.16 19.73
CA ILE D 66 -7.73 16.54 20.07
C ILE D 66 -9.05 16.90 19.39
N VAL D 67 -9.87 17.70 20.05
CA VAL D 67 -11.16 18.13 19.48
C VAL D 67 -11.15 19.62 19.46
N LEU D 68 -11.46 20.20 18.29
CA LEU D 68 -11.56 21.63 18.16
C LEU D 68 -13.01 22.06 18.10
N THR D 69 -13.44 22.80 19.11
CA THR D 69 -14.80 23.18 19.06
C THR D 69 -15.02 24.60 19.44
N TYR D 70 -16.29 24.95 19.49
CA TYR D 70 -16.65 26.25 19.93
C TYR D 70 -17.21 26.07 21.35
N GLY D 71 -18.46 25.61 21.44
CA GLY D 71 -19.03 25.38 22.74
C GLY D 71 -19.16 23.92 23.02
N ILE D 72 -19.14 23.58 24.29
CA ILE D 72 -19.23 22.18 24.63
C ILE D 72 -19.53 22.16 26.09
N GLY D 73 -20.32 21.17 26.51
CA GLY D 73 -20.72 20.93 27.91
C GLY D 73 -19.58 20.40 28.74
N ARG D 74 -19.61 20.68 30.04
CA ARG D 74 -18.50 20.35 30.92
C ARG D 74 -18.38 18.83 31.06
N ARG D 75 -19.52 18.17 30.99
CA ARG D 75 -19.57 16.71 31.07
C ARG D 75 -18.83 16.08 29.86
N ALA D 76 -19.06 16.62 28.67
CA ALA D 76 -18.38 16.11 27.48
C ALA D 76 -16.85 16.33 27.61
N ILE D 77 -16.43 17.52 28.07
CA ILE D 77 -15.00 17.82 28.36
C ILE D 77 -14.44 16.83 29.36
N GLU D 78 -15.18 16.56 30.42
CA GLU D 78 -14.76 15.53 31.39
C GLU D 78 -14.51 14.17 30.79
N TYR D 79 -15.51 13.64 30.08
CA TYR D 79 -15.40 12.29 29.50
C TYR D 79 -14.30 12.22 28.44
N PHE D 80 -14.17 13.27 27.65
CA PHE D 80 -13.08 13.30 26.68
C PHE D 80 -11.77 13.14 27.42
N ASN D 81 -11.58 13.97 28.47
CA ASN D 81 -10.35 13.95 29.20
C ASN D 81 -10.06 12.57 29.81
N SER D 82 -11.08 11.97 30.43
CA SER D 82 -10.98 10.57 30.90
C SER D 82 -10.56 9.58 29.82
N LEU D 83 -10.90 9.87 28.56
CA LEU D 83 -10.56 9.03 27.42
C LEU D 83 -9.18 9.40 26.92
N GLY D 84 -8.57 10.41 27.53
CA GLY D 84 -7.23 10.81 27.16
C GLY D 84 -7.27 11.74 25.97
N ILE D 85 -8.38 12.46 25.83
CA ILE D 85 -8.58 13.41 24.70
C ILE D 85 -8.75 14.84 25.19
N SER D 86 -8.12 15.79 24.50
CA SER D 86 -8.12 17.19 24.97
C SER D 86 -8.99 17.96 24.04
N VAL D 87 -9.60 19.03 24.52
CA VAL D 87 -10.59 19.78 23.76
C VAL D 87 -10.15 21.24 23.75
N VAL D 88 -10.33 21.91 22.65
CA VAL D 88 -10.00 23.34 22.52
C VAL D 88 -11.37 23.98 22.35
N THR D 89 -11.69 25.02 23.11
CA THR D 89 -12.97 25.70 22.97
C THR D 89 -12.82 27.12 22.39
N GLY D 90 -13.93 27.78 22.01
CA GLY D 90 -13.82 29.17 21.50
C GLY D 90 -13.32 29.29 20.05
N VAL D 91 -13.14 28.14 19.38
CA VAL D 91 -12.80 28.04 17.97
C VAL D 91 -14.02 28.26 17.09
N TYR D 92 -13.92 29.19 16.15
CA TYR D 92 -15.06 29.51 15.29
C TYR D 92 -14.59 29.67 13.88
N GLY D 93 -15.51 29.64 12.93
CA GLY D 93 -15.22 29.97 11.54
C GLY D 93 -15.37 28.77 10.60
N ARG D 94 -14.89 28.95 9.38
CA ARG D 94 -14.93 27.93 8.37
C ARG D 94 -13.83 26.89 8.62
N ILE D 95 -14.24 25.64 8.58
CA ILE D 95 -13.41 24.60 9.02
C ILE D 95 -12.05 24.65 8.28
N SER D 96 -12.05 24.93 6.97
CA SER D 96 -10.78 24.96 6.20
C SER D 96 -9.81 25.99 6.75
N ASP D 97 -10.36 27.16 7.10
CA ASP D 97 -9.58 28.29 7.70
C ASP D 97 -8.95 27.90 9.06
N VAL D 98 -9.74 27.25 9.86
CA VAL D 98 -9.30 26.67 11.17
C VAL D 98 -8.22 25.63 11.10
N ILE D 99 -8.31 24.71 10.14
CA ILE D 99 -7.23 23.77 9.87
C ILE D 99 -5.90 24.44 9.61
N LYS D 100 -5.86 25.43 8.75
CA LYS D 100 -4.56 26.00 8.50
C LYS D 100 -4.09 26.90 9.65
N ALA D 101 -5.03 27.48 10.39
CA ALA D 101 -4.72 28.31 11.55
C ALA D 101 -4.24 27.43 12.72
N PHE D 102 -4.73 26.20 12.77
CA PHE D 102 -4.27 25.24 13.75
C PHE D 102 -2.80 24.90 13.42
N ILE D 103 -2.58 24.55 12.17
CA ILE D 103 -1.27 24.23 11.65
C ILE D 103 -0.25 25.40 11.79
N GLY D 104 -0.66 26.63 11.45
CA GLY D 104 0.18 27.81 11.75
C GLY D 104 0.27 28.16 13.23
N GLY D 105 -0.22 27.30 14.11
CA GLY D 105 -0.30 27.69 15.53
C GLY D 105 -1.50 28.57 15.80
N LYS D 106 -1.48 29.77 15.30
CA LYS D 106 -2.46 30.82 15.50
C LYS D 106 -3.94 30.51 15.31
N LEU D 107 -4.57 29.84 16.27
CA LEU D 107 -6.06 29.79 16.28
C LEU D 107 -6.70 31.08 16.75
N LYS D 108 -7.81 31.41 16.11
CA LYS D 108 -8.60 32.58 16.45
C LYS D 108 -9.61 32.10 17.46
N ILE D 109 -9.41 32.46 18.71
CA ILE D 109 -10.21 31.96 19.76
C ILE D 109 -11.15 33.01 20.34
N ASP D 110 -12.43 32.71 20.58
CA ASP D 110 -13.18 33.71 21.37
C ASP D 110 -13.36 33.28 22.81
N TYR D 111 -12.59 33.98 23.64
CA TYR D 111 -12.30 33.51 24.97
C TYR D 111 -13.52 33.69 25.78
N ASP D 112 -14.42 34.52 25.29
CA ASP D 112 -15.70 34.75 25.99
C ASP D 112 -16.85 34.09 25.30
N TRP D 113 -16.78 32.76 25.12
CA TRP D 113 -17.83 32.05 24.41
C TRP D 113 -18.82 31.47 25.39
N LYS D 114 -18.38 31.22 26.61
CA LYS D 114 -19.21 30.65 27.70
C LYS D 114 -20.56 31.36 27.97
#